data_3CJP
#
_entry.id   3CJP
#
_cell.length_a   47.628
_cell.length_b   77.273
_cell.length_c   72.661
_cell.angle_alpha   90.000
_cell.angle_beta   96.090
_cell.angle_gamma   90.000
#
_symmetry.space_group_name_H-M   'P 1 21 1'
#
loop_
_entity.id
_entity.type
_entity.pdbx_description
1 polymer 'Predicted amidohydrolase, dihydroorotase family'
2 non-polymer 'ZINC ION'
3 water water
#
_entity_poly.entity_id   1
_entity_poly.type   'polypeptide(L)'
_entity_poly.pdbx_seq_one_letter_code
;MSLIIDGHTHVILPVEKHIKIMDEAGVDKTILFSTSIHPETAVNLRDVKKEMKKLNDVVNGKTNSMIDVRRNSIKELTNV
IQAYPSRYVGFGNVPVGLSENDTNSYIEENIVNNKLVGIGELTPASGQIKSLKPIFKYSMDSGSLPIWIHAFNPLVLQDI
KEIAELCKAFPKVPVILGHMGGSNWMTAVELAKEIQNLYLDTSAYFSTFVLKIVINELPLKCIFGTDMPFGDLQLSIEAI
KKMSNDSYVANAVLGDNISRLLNIEGHHHHHH
;
_entity_poly.pdbx_strand_id   A,B
#
# COMPACT_ATOMS: atom_id res chain seq x y z
N LEU A 3 -15.14 -21.09 8.51
CA LEU A 3 -15.76 -19.89 7.83
C LEU A 3 -14.64 -18.99 7.31
N ILE A 4 -14.70 -18.58 6.02
CA ILE A 4 -13.93 -17.43 5.55
C ILE A 4 -14.85 -16.23 5.80
N ILE A 5 -14.31 -15.24 6.53
CA ILE A 5 -15.02 -14.00 6.76
C ILE A 5 -14.17 -12.85 6.29
N ASP A 6 -14.75 -12.01 5.45
CA ASP A 6 -14.09 -10.76 5.10
C ASP A 6 -14.30 -9.81 6.27
N GLY A 7 -13.21 -9.47 6.98
CA GLY A 7 -13.24 -8.70 8.20
C GLY A 7 -13.44 -7.21 8.06
N HIS A 8 -13.34 -6.70 6.83
CA HIS A 8 -13.51 -5.27 6.61
C HIS A 8 -13.84 -4.99 5.13
N THR A 9 -15.11 -4.67 4.88
CA THR A 9 -15.56 -4.20 3.58
C THR A 9 -16.59 -3.09 3.79
N HIS A 10 -16.54 -2.06 2.95
CA HIS A 10 -17.57 -1.02 2.99
C HIS A 10 -18.84 -1.39 2.20
N VAL A 11 -20.00 -0.89 2.59
CA VAL A 11 -21.25 -1.28 1.89
C VAL A 11 -21.10 -1.15 0.37
N ILE A 12 -21.34 -2.25 -0.36
CA ILE A 12 -21.28 -2.27 -1.83
C ILE A 12 -22.68 -2.24 -2.46
N LEU A 13 -22.87 -1.34 -3.42
CA LEU A 13 -24.13 -1.34 -4.17
C LEU A 13 -23.86 -1.67 -5.63
N PRO A 14 -24.74 -2.46 -6.28
CA PRO A 14 -25.92 -3.15 -5.74
C PRO A 14 -25.51 -4.33 -4.84
N VAL A 15 -26.33 -4.63 -3.85
CA VAL A 15 -25.97 -5.61 -2.82
C VAL A 15 -25.81 -7.00 -3.41
N GLU A 16 -26.72 -7.35 -4.30
CA GLU A 16 -26.67 -8.65 -4.97
C GLU A 16 -25.36 -8.89 -5.71
N LYS A 17 -24.77 -7.85 -6.30
CA LYS A 17 -23.41 -7.95 -6.88
C LYS A 17 -22.38 -8.42 -5.85
N HIS A 18 -22.48 -7.87 -4.65
CA HIS A 18 -21.49 -8.16 -3.61
C HIS A 18 -21.71 -9.57 -3.08
N ILE A 19 -22.98 -9.94 -2.90
CA ILE A 19 -23.33 -11.32 -2.45
C ILE A 19 -22.83 -12.39 -3.44
N LYS A 20 -22.99 -12.09 -4.72
CA LYS A 20 -22.44 -12.94 -5.79
C LYS A 20 -20.90 -13.12 -5.69
N ILE A 21 -20.20 -12.01 -5.51
CA ILE A 21 -18.73 -12.04 -5.36
C ILE A 21 -18.33 -12.90 -4.14
N MET A 22 -19.12 -12.81 -3.06
CA MET A 22 -18.86 -13.59 -1.84
C MET A 22 -19.04 -15.04 -2.16
N ASP A 23 -20.19 -15.31 -2.78
CA ASP A 23 -20.55 -16.63 -3.22
C ASP A 23 -19.40 -17.24 -4.07
N GLU A 24 -19.00 -16.55 -5.13
CA GLU A 24 -17.90 -17.03 -6.00
C GLU A 24 -16.50 -17.23 -5.35
N ALA A 25 -16.24 -16.51 -4.27
CA ALA A 25 -14.95 -16.52 -3.58
C ALA A 25 -14.99 -17.49 -2.41
N GLY A 26 -16.14 -18.12 -2.17
CA GLY A 26 -16.31 -19.05 -1.05
C GLY A 26 -16.29 -18.33 0.28
N VAL A 27 -16.85 -17.12 0.34
CA VAL A 27 -16.82 -16.35 1.56
C VAL A 27 -18.19 -16.43 2.26
N ASP A 28 -18.17 -16.75 3.56
CA ASP A 28 -19.40 -17.04 4.30
C ASP A 28 -20.07 -15.74 4.78
N LYS A 29 -19.28 -14.81 5.32
CA LYS A 29 -19.78 -13.55 5.89
C LYS A 29 -18.81 -12.41 5.65
N THR A 30 -19.35 -11.20 5.72
CA THR A 30 -18.52 -10.00 5.67
C THR A 30 -18.91 -9.11 6.84
N ILE A 31 -17.91 -8.56 7.51
CA ILE A 31 -18.16 -7.44 8.45
C ILE A 31 -18.21 -6.20 7.61
N LEU A 32 -19.40 -5.60 7.57
CA LEU A 32 -19.68 -4.57 6.65
C LEU A 32 -19.60 -3.25 7.42
N PHE A 33 -19.06 -2.24 6.76
CA PHE A 33 -18.79 -0.98 7.40
C PHE A 33 -19.55 0.05 6.62
N SER A 34 -20.06 1.06 7.33
CA SER A 34 -20.83 2.08 6.64
C SER A 34 -19.91 2.88 5.72
N THR A 35 -20.49 3.51 4.71
CA THR A 35 -19.77 4.48 3.88
C THR A 35 -20.65 5.62 3.35
N SER A 36 -20.09 6.82 3.28
CA SER A 36 -20.78 8.01 2.81
C SER A 36 -20.61 8.11 1.29
N ILE A 37 -19.62 7.40 0.75
CA ILE A 37 -19.33 7.50 -0.69
C ILE A 37 -19.30 6.14 -1.40
N HIS A 38 -19.85 6.10 -2.62
CA HIS A 38 -19.96 4.87 -3.39
C HIS A 38 -19.26 4.87 -4.75
N PRO A 39 -17.91 4.78 -4.75
CA PRO A 39 -17.15 4.92 -6.03
C PRO A 39 -17.44 3.76 -6.97
N GLU A 40 -17.98 2.67 -6.41
CA GLU A 40 -18.31 1.50 -7.21
C GLU A 40 -19.55 1.70 -8.10
N THR A 41 -20.36 2.73 -7.83
CA THR A 41 -21.55 2.94 -8.65
C THR A 41 -21.37 4.09 -9.62
N ALA A 42 -20.23 4.76 -9.54
CA ALA A 42 -19.90 5.78 -10.52
C ALA A 42 -19.53 5.12 -11.85
N VAL A 43 -20.32 5.40 -12.88
CA VAL A 43 -19.89 5.16 -14.25
C VAL A 43 -19.24 6.42 -14.75
N ASN A 44 -18.30 6.25 -15.67
CA ASN A 44 -17.41 7.32 -16.15
C ASN A 44 -16.42 7.84 -15.10
N LEU A 45 -15.27 8.23 -15.64
CA LEU A 45 -14.08 8.48 -14.89
C LEU A 45 -14.12 9.77 -14.04
N ARG A 46 -14.78 10.83 -14.54
CA ARG A 46 -14.87 12.09 -13.80
C ARG A 46 -15.58 11.92 -12.43
N ASP A 47 -16.67 11.15 -12.43
CA ASP A 47 -17.42 10.88 -11.20
C ASP A 47 -16.64 9.99 -10.21
N VAL A 48 -16.01 8.94 -10.71
CA VAL A 48 -15.12 8.09 -9.87
C VAL A 48 -14.10 9.00 -9.16
N LYS A 49 -13.43 9.85 -9.92
CA LYS A 49 -12.41 10.74 -9.38
C LYS A 49 -13.01 11.66 -8.31
N LYS A 50 -14.21 12.16 -8.59
CA LYS A 50 -14.96 13.02 -7.67
C LYS A 50 -15.25 12.34 -6.31
N GLU A 51 -15.65 11.06 -6.35
CA GLU A 51 -15.88 10.26 -5.13
C GLU A 51 -14.58 9.98 -4.41
N MET A 52 -13.58 9.51 -5.18
CA MET A 52 -12.29 9.19 -4.58
C MET A 52 -11.68 10.39 -3.85
N LYS A 53 -11.90 11.59 -4.41
CA LYS A 53 -11.46 12.82 -3.77
C LYS A 53 -12.24 13.11 -2.44
N LYS A 54 -13.58 13.04 -2.49
CA LYS A 54 -14.39 13.11 -1.27
C LYS A 54 -13.91 12.09 -0.22
N LEU A 55 -13.65 10.87 -0.66
CA LEU A 55 -13.12 9.85 0.23
C LEU A 55 -11.80 10.28 0.83
N ASN A 56 -10.87 10.72 -0.03
CA ASN A 56 -9.50 10.99 0.41
C ASN A 56 -9.50 11.98 1.60
N ASP A 57 -10.42 12.95 1.62
CA ASP A 57 -10.45 13.85 2.78
C ASP A 57 -11.30 13.38 3.97
N VAL A 58 -12.14 12.36 3.77
CA VAL A 58 -12.77 11.65 4.89
C VAL A 58 -11.67 10.92 5.65
N VAL A 59 -10.94 10.06 4.94
CA VAL A 59 -9.89 9.22 5.53
C VAL A 59 -8.81 10.09 6.17
N ASN A 60 -8.64 11.30 5.62
CA ASN A 60 -7.67 12.23 6.15
C ASN A 60 -8.17 12.98 7.40
N GLY A 61 -9.47 12.86 7.67
CA GLY A 61 -10.08 13.39 8.91
C GLY A 61 -10.86 14.69 8.85
N LYS A 62 -11.19 15.16 7.63
CA LYS A 62 -11.85 16.48 7.45
C LYS A 62 -13.39 16.46 7.58
N THR A 63 -13.97 15.29 7.35
CA THR A 63 -15.43 15.08 7.39
C THR A 63 -15.89 14.69 8.80
N ASN A 64 -14.95 14.61 9.74
CA ASN A 64 -15.17 13.99 11.06
C ASN A 64 -16.28 14.59 11.93
N SER A 65 -16.92 15.65 11.44
CA SER A 65 -18.13 16.21 12.04
C SER A 65 -19.12 16.64 10.96
N MET A 66 -19.63 15.65 10.24
CA MET A 66 -20.69 15.81 9.26
C MET A 66 -21.81 14.81 9.62
N ILE A 67 -22.34 14.98 10.84
CA ILE A 67 -23.28 14.03 11.50
C ILE A 67 -24.45 13.54 10.63
N ASP A 68 -25.12 14.46 9.94
CA ASP A 68 -26.20 14.14 8.99
C ASP A 68 -25.84 13.00 8.03
N VAL A 69 -24.78 13.24 7.24
CA VAL A 69 -24.29 12.31 6.22
C VAL A 69 -24.04 10.96 6.89
N ARG A 70 -23.50 11.02 8.09
CA ARG A 70 -23.14 9.81 8.81
C ARG A 70 -24.33 9.07 9.44
N ARG A 71 -25.36 9.81 9.86
CA ARG A 71 -26.62 9.20 10.23
C ARG A 71 -27.23 8.45 9.01
N ASN A 72 -27.17 9.06 7.83
CA ASN A 72 -27.66 8.42 6.60
C ASN A 72 -26.89 7.13 6.27
N SER A 73 -25.57 7.14 6.45
CA SER A 73 -24.73 5.96 6.10
CA SER A 73 -24.70 5.97 6.14
C SER A 73 -25.04 4.77 7.02
N ILE A 74 -25.40 5.04 8.27
CA ILE A 74 -25.78 4.00 9.24
C ILE A 74 -27.14 3.40 8.88
N LYS A 75 -28.09 4.27 8.51
CA LYS A 75 -29.40 3.81 7.95
C LYS A 75 -29.17 2.91 6.72
N GLU A 76 -28.32 3.34 5.80
CA GLU A 76 -27.98 2.46 4.67
C GLU A 76 -27.48 1.12 5.15
N LEU A 77 -26.54 1.14 6.11
CA LEU A 77 -25.88 -0.11 6.55
C LEU A 77 -26.93 -1.01 7.22
N THR A 78 -27.80 -0.43 8.05
CA THR A 78 -28.80 -1.27 8.73
C THR A 78 -29.78 -1.94 7.73
N ASN A 79 -30.20 -1.16 6.72
CA ASN A 79 -31.03 -1.71 5.66
C ASN A 79 -30.36 -2.82 4.84
N VAL A 80 -29.06 -2.69 4.56
CA VAL A 80 -28.32 -3.74 3.81
C VAL A 80 -28.18 -5.01 4.62
N ILE A 81 -27.82 -4.84 5.89
CA ILE A 81 -27.75 -5.99 6.79
C ILE A 81 -29.08 -6.76 6.86
N GLN A 82 -30.17 -6.02 6.90
CA GLN A 82 -31.50 -6.65 6.96
C GLN A 82 -31.78 -7.52 5.73
N ALA A 83 -31.21 -7.16 4.57
CA ALA A 83 -31.44 -7.92 3.35
C ALA A 83 -30.73 -9.30 3.33
N TYR A 84 -29.55 -9.37 3.96
CA TYR A 84 -28.79 -10.61 4.04
C TYR A 84 -28.20 -10.82 5.44
N PRO A 85 -29.09 -10.94 6.46
CA PRO A 85 -28.65 -10.97 7.86
C PRO A 85 -27.81 -12.19 8.22
N SER A 86 -27.82 -13.22 7.37
CA SER A 86 -26.96 -14.41 7.55
C SER A 86 -25.56 -14.24 6.93
N ARG A 87 -25.37 -13.16 6.16
CA ARG A 87 -24.16 -12.94 5.36
C ARG A 87 -23.36 -11.77 5.88
N TYR A 88 -24.02 -10.89 6.63
CA TYR A 88 -23.45 -9.63 7.04
C TYR A 88 -23.65 -9.37 8.52
N VAL A 89 -22.60 -8.85 9.15
CA VAL A 89 -22.70 -8.25 10.49
C VAL A 89 -22.07 -6.87 10.40
N GLY A 90 -22.51 -5.90 11.19
CA GLY A 90 -22.08 -4.55 10.89
C GLY A 90 -21.31 -3.83 11.97
N PHE A 91 -20.40 -2.95 11.55
CA PHE A 91 -19.75 -1.98 12.45
C PHE A 91 -20.31 -0.62 12.07
N GLY A 92 -20.61 0.23 13.05
CA GLY A 92 -21.13 1.54 12.69
C GLY A 92 -20.19 2.65 13.09
N ASN A 93 -20.10 3.67 12.23
CA ASN A 93 -19.17 4.75 12.45
C ASN A 93 -19.65 5.78 13.48
N VAL A 94 -18.71 6.42 14.16
CA VAL A 94 -19.00 7.43 15.18
C VAL A 94 -18.09 8.62 14.88
N PRO A 95 -18.69 9.83 14.78
CA PRO A 95 -17.89 11.03 14.51
C PRO A 95 -16.81 11.17 15.59
N VAL A 96 -15.60 11.51 15.17
CA VAL A 96 -14.37 11.38 16.00
C VAL A 96 -14.23 12.38 17.17
N GLY A 97 -14.41 13.67 16.91
CA GLY A 97 -14.01 14.69 17.88
C GLY A 97 -15.10 15.27 18.76
N LEU A 98 -16.13 14.49 19.06
CA LEU A 98 -17.26 15.03 19.83
C LEU A 98 -17.04 14.99 21.35
N SER A 99 -17.88 15.73 22.07
CA SER A 99 -17.88 15.74 23.54
C SER A 99 -18.30 14.36 24.05
N GLU A 100 -18.01 14.10 25.32
CA GLU A 100 -18.35 12.83 25.93
C GLU A 100 -19.85 12.59 25.85
N ASN A 101 -20.63 13.64 26.10
CA ASN A 101 -22.09 13.56 26.06
C ASN A 101 -22.69 13.35 24.68
N ASP A 102 -22.17 14.09 23.70
CA ASP A 102 -22.62 13.96 22.31
C ASP A 102 -22.15 12.65 21.66
N THR A 103 -21.16 12.02 22.29
CA THR A 103 -20.63 10.75 21.84
C THR A 103 -21.52 9.61 22.31
N ASN A 104 -21.87 9.60 23.59
CA ASN A 104 -22.70 8.52 24.15
C ASN A 104 -24.11 8.53 23.58
N SER A 105 -24.54 9.71 23.14
CA SER A 105 -25.86 9.89 22.56
C SER A 105 -25.86 9.26 21.17
N TYR A 106 -24.86 9.63 20.36
CA TYR A 106 -24.71 9.06 19.02
C TYR A 106 -24.59 7.54 19.07
N ILE A 107 -23.74 7.04 19.97
CA ILE A 107 -23.50 5.60 20.04
C ILE A 107 -24.76 4.82 20.41
N GLU A 108 -25.52 5.33 21.38
CA GLU A 108 -26.72 4.66 21.89
C GLU A 108 -27.77 4.49 20.79
N GLU A 109 -28.09 5.62 20.17
CA GLU A 109 -29.05 5.69 19.09
C GLU A 109 -28.61 4.81 17.92
N ASN A 110 -27.37 5.02 17.48
CA ASN A 110 -26.93 4.54 16.17
C ASN A 110 -26.23 3.19 16.14
N ILE A 111 -25.53 2.85 17.21
CA ILE A 111 -24.81 1.58 17.29
C ILE A 111 -25.61 0.53 18.08
N VAL A 112 -25.84 0.79 19.36
CA VAL A 112 -26.49 -0.17 20.24
C VAL A 112 -27.92 -0.49 19.81
N ASN A 113 -28.70 0.55 19.52
CA ASN A 113 -30.09 0.40 19.06
C ASN A 113 -30.24 -0.34 17.72
N ASN A 114 -29.24 -0.20 16.85
CA ASN A 114 -29.24 -0.91 15.55
C ASN A 114 -28.62 -2.30 15.59
N LYS A 115 -28.34 -2.78 16.81
CA LYS A 115 -27.72 -4.08 17.06
C LYS A 115 -26.40 -4.33 16.30
N LEU A 116 -25.63 -3.26 16.11
CA LEU A 116 -24.34 -3.39 15.42
C LEU A 116 -23.32 -3.98 16.38
N VAL A 117 -22.34 -4.73 15.88
CA VAL A 117 -21.41 -5.46 16.75
C VAL A 117 -20.05 -4.76 17.01
N GLY A 118 -19.86 -3.55 16.49
CA GLY A 118 -18.61 -2.85 16.67
C GLY A 118 -18.71 -1.39 16.26
N ILE A 119 -17.70 -0.60 16.60
CA ILE A 119 -17.64 0.82 16.26
C ILE A 119 -16.50 1.02 15.25
N GLY A 120 -16.81 1.60 14.10
CA GLY A 120 -15.79 1.86 13.06
C GLY A 120 -16.45 2.14 11.71
N GLU A 121 -15.69 2.50 10.68
CA GLU A 121 -14.25 2.64 10.73
C GLU A 121 -13.91 4.07 11.15
N LEU A 122 -13.29 4.25 12.32
CA LEU A 122 -12.87 5.62 12.71
C LEU A 122 -11.71 6.18 11.86
N THR A 123 -11.79 7.48 11.54
CA THR A 123 -10.76 8.12 10.72
C THR A 123 -10.25 9.38 11.41
N PRO A 124 -9.54 9.22 12.53
CA PRO A 124 -9.00 10.39 13.21
C PRO A 124 -7.92 11.01 12.30
N ALA A 125 -7.79 12.33 12.34
CA ALA A 125 -6.69 13.01 11.65
C ALA A 125 -5.43 12.77 12.47
N SER A 126 -4.26 12.85 11.83
CA SER A 126 -3.00 12.74 12.56
C SER A 126 -2.91 13.73 13.72
N GLY A 127 -2.47 13.27 14.89
CA GLY A 127 -2.41 14.17 16.07
C GLY A 127 -3.70 14.23 16.88
N GLN A 128 -4.75 13.55 16.41
CA GLN A 128 -6.00 13.60 17.14
C GLN A 128 -6.42 12.29 17.80
N ILE A 129 -5.49 11.39 18.03
CA ILE A 129 -5.82 10.07 18.59
C ILE A 129 -6.43 10.22 19.99
N LYS A 130 -5.93 11.18 20.74
CA LYS A 130 -6.47 11.37 22.09
C LYS A 130 -7.95 11.73 22.13
N SER A 131 -8.47 12.36 21.07
CA SER A 131 -9.89 12.73 20.95
C SER A 131 -10.78 11.50 20.93
N LEU A 132 -10.18 10.34 20.69
CA LEU A 132 -10.94 9.08 20.68
C LEU A 132 -11.38 8.57 22.06
N LYS A 133 -10.87 9.18 23.13
CA LYS A 133 -11.10 8.68 24.47
C LYS A 133 -12.59 8.45 24.80
N PRO A 134 -13.49 9.41 24.51
CA PRO A 134 -14.93 9.18 24.79
C PRO A 134 -15.47 7.90 24.22
N ILE A 135 -15.03 7.55 23.02
CA ILE A 135 -15.52 6.35 22.34
C ILE A 135 -15.06 5.10 23.11
N PHE A 136 -13.78 5.06 23.51
CA PHE A 136 -13.27 3.98 24.36
C PHE A 136 -14.02 3.90 25.69
N LYS A 137 -14.28 5.07 26.26
CA LYS A 137 -14.99 5.17 27.54
C LYS A 137 -16.39 4.53 27.38
N TYR A 138 -17.11 4.90 26.31
CA TYR A 138 -18.44 4.33 26.11
C TYR A 138 -18.43 2.84 25.84
N SER A 139 -17.54 2.40 24.97
CA SER A 139 -17.46 0.97 24.66
C SER A 139 -17.20 0.17 25.94
N MET A 140 -16.43 0.75 26.85
CA MET A 140 -16.11 0.12 28.12
C MET A 140 -17.35 0.01 29.01
N ASP A 141 -18.31 0.92 28.84
CA ASP A 141 -19.52 0.90 29.68
C ASP A 141 -20.66 0.11 29.03
N SER A 142 -20.67 0.07 27.70
CA SER A 142 -21.53 -0.84 26.95
C SER A 142 -20.87 -2.22 26.86
N GLY A 143 -21.12 -2.96 25.78
CA GLY A 143 -20.72 -4.37 25.75
C GLY A 143 -19.29 -4.65 25.38
N SER A 144 -18.38 -3.72 25.71
CA SER A 144 -17.02 -3.67 25.13
C SER A 144 -17.06 -3.95 23.62
N LEU A 145 -17.74 -3.06 22.91
CA LEU A 145 -17.78 -3.07 21.44
C LEU A 145 -16.38 -2.81 20.92
N PRO A 146 -15.91 -3.67 19.99
CA PRO A 146 -14.63 -3.46 19.34
C PRO A 146 -14.61 -2.11 18.65
N ILE A 147 -13.43 -1.48 18.63
CA ILE A 147 -13.22 -0.20 17.95
C ILE A 147 -12.24 -0.45 16.82
N TRP A 148 -12.58 0.01 15.61
CA TRP A 148 -11.82 -0.29 14.40
C TRP A 148 -11.31 1.06 13.87
N ILE A 149 -9.98 1.22 13.76
CA ILE A 149 -9.45 2.59 13.47
C ILE A 149 -8.65 2.55 12.18
N HIS A 150 -8.98 3.43 11.23
CA HIS A 150 -8.11 3.57 10.05
C HIS A 150 -6.66 3.94 10.47
N ALA A 151 -5.68 3.13 10.08
CA ALA A 151 -4.27 3.33 10.49
C ALA A 151 -3.21 3.27 9.36
N PHE A 152 -3.69 3.38 8.12
CA PHE A 152 -2.82 3.70 6.99
C PHE A 152 -2.60 5.22 7.01
N ASN A 153 -1.91 5.76 6.00
CA ASN A 153 -1.92 7.25 5.86
C ASN A 153 -3.35 7.76 6.06
N PRO A 154 -3.53 8.92 6.76
CA PRO A 154 -2.40 9.78 7.17
C PRO A 154 -1.85 9.59 8.57
N LEU A 155 -2.26 8.54 9.27
CA LEU A 155 -1.65 8.25 10.58
C LEU A 155 -0.16 7.99 10.46
N VAL A 156 0.59 8.60 11.37
CA VAL A 156 2.03 8.39 11.43
C VAL A 156 2.38 7.54 12.66
N LEU A 157 3.67 7.21 12.82
CA LEU A 157 4.11 6.38 13.95
C LEU A 157 3.61 6.83 15.33
N GLN A 158 3.66 8.12 15.62
CA GLN A 158 3.24 8.63 16.92
C GLN A 158 1.75 8.36 17.20
N ASP A 159 0.90 8.53 16.19
CA ASP A 159 -0.54 8.15 16.29
C ASP A 159 -0.73 6.67 16.61
N ILE A 160 0.10 5.83 16.01
CA ILE A 160 0.04 4.38 16.27
C ILE A 160 0.38 4.14 17.75
N LYS A 161 1.49 4.73 18.19
CA LYS A 161 1.87 4.65 19.62
C LYS A 161 0.79 5.12 20.56
N GLU A 162 0.07 6.18 20.17
CA GLU A 162 -1.01 6.71 21.00
C GLU A 162 -2.23 5.82 21.04
N ILE A 163 -2.55 5.15 19.92
CA ILE A 163 -3.60 4.16 19.93
C ILE A 163 -3.26 3.03 20.94
N ALA A 164 -2.02 2.53 20.89
CA ALA A 164 -1.58 1.51 21.85
C ALA A 164 -1.80 1.94 23.32
N GLU A 165 -1.44 3.18 23.64
CA GLU A 165 -1.70 3.68 24.98
C GLU A 165 -3.19 3.61 25.33
N LEU A 166 -4.07 3.94 24.37
CA LEU A 166 -5.52 3.83 24.63
C LEU A 166 -5.90 2.39 24.87
N CYS A 167 -5.29 1.45 24.14
CA CYS A 167 -5.60 0.04 24.37
C CYS A 167 -5.25 -0.32 25.81
N LYS A 168 -4.07 0.10 26.28
CA LYS A 168 -3.67 -0.22 27.65
C LYS A 168 -4.57 0.43 28.70
N ALA A 169 -5.06 1.64 28.42
CA ALA A 169 -5.99 2.31 29.35
C ALA A 169 -7.38 1.70 29.38
N PHE A 170 -7.72 0.93 28.35
CA PHE A 170 -9.01 0.29 28.23
C PHE A 170 -8.83 -1.17 27.84
N PRO A 171 -8.21 -1.98 28.73
CA PRO A 171 -7.80 -3.36 28.38
C PRO A 171 -8.93 -4.29 27.94
N LYS A 172 -10.17 -4.03 28.35
CA LYS A 172 -11.31 -4.87 27.90
C LYS A 172 -11.90 -4.51 26.54
N VAL A 173 -11.52 -3.36 25.98
CA VAL A 173 -12.04 -2.89 24.69
C VAL A 173 -11.14 -3.45 23.55
N PRO A 174 -11.66 -4.37 22.73
CA PRO A 174 -10.87 -4.81 21.60
C PRO A 174 -10.69 -3.72 20.56
N VAL A 175 -9.50 -3.65 19.99
CA VAL A 175 -9.15 -2.61 19.02
C VAL A 175 -8.59 -3.27 17.79
N ILE A 176 -9.10 -2.90 16.63
CA ILE A 176 -8.57 -3.48 15.37
C ILE A 176 -7.87 -2.36 14.67
N LEU A 177 -6.57 -2.55 14.45
CA LEU A 177 -5.73 -1.54 13.80
C LEU A 177 -5.81 -1.73 12.27
N GLY A 178 -6.51 -0.81 11.62
CA GLY A 178 -6.72 -0.83 10.18
C GLY A 178 -5.44 -0.88 9.37
N HIS A 179 -5.38 -1.81 8.42
CA HIS A 179 -4.33 -1.82 7.41
C HIS A 179 -2.92 -2.09 7.98
N MET A 180 -2.84 -2.76 9.16
CA MET A 180 -1.56 -3.17 9.82
C MET A 180 -0.75 -1.90 10.17
N GLY A 181 -1.43 -0.77 10.19
CA GLY A 181 -0.68 0.49 10.47
C GLY A 181 0.19 1.00 9.29
N GLY A 182 -0.04 0.51 8.08
CA GLY A 182 0.63 1.07 6.88
C GLY A 182 2.13 0.89 6.96
N SER A 183 2.86 1.99 6.72
CA SER A 183 4.32 1.96 6.72
CA SER A 183 4.32 1.93 6.71
C SER A 183 4.88 1.73 8.13
N ASN A 184 4.00 1.84 9.13
CA ASN A 184 4.37 1.67 10.53
C ASN A 184 4.12 0.27 11.07
N TRP A 185 4.03 -0.71 10.15
CA TRP A 185 3.70 -2.09 10.46
C TRP A 185 4.68 -2.81 11.43
N MET A 186 5.96 -2.41 11.41
CA MET A 186 6.95 -2.99 12.34
C MET A 186 6.60 -2.65 13.78
N THR A 187 6.28 -1.38 14.03
CA THR A 187 5.83 -1.02 15.36
C THR A 187 4.44 -1.65 15.68
N ALA A 188 3.51 -1.58 14.74
CA ALA A 188 2.18 -2.13 14.91
C ALA A 188 2.26 -3.60 15.36
N VAL A 189 3.12 -4.37 14.71
CA VAL A 189 3.16 -5.81 15.05
C VAL A 189 3.83 -6.05 16.44
N GLU A 190 4.85 -5.24 16.81
CA GLU A 190 5.39 -5.33 18.17
C GLU A 190 4.31 -5.01 19.22
N LEU A 191 3.52 -3.97 18.97
CA LEU A 191 2.48 -3.50 19.89
C LEU A 191 1.37 -4.54 20.05
N ALA A 192 0.95 -5.12 18.93
CA ALA A 192 -0.10 -6.16 18.95
C ALA A 192 0.38 -7.45 19.63
N LYS A 193 1.68 -7.77 19.54
CA LYS A 193 2.24 -8.91 20.24
C LYS A 193 2.14 -8.68 21.76
N GLU A 194 2.45 -7.45 22.21
CA GLU A 194 2.56 -7.09 23.64
C GLU A 194 1.23 -6.74 24.29
N ILE A 195 0.26 -6.26 23.50
CA ILE A 195 -0.99 -5.75 24.08
C ILE A 195 -2.15 -6.67 23.79
N GLN A 196 -2.69 -7.26 24.86
CA GLN A 196 -3.80 -8.25 24.80
C GLN A 196 -4.96 -7.96 23.81
N ASN A 197 -5.43 -6.71 23.80
CA ASN A 197 -6.65 -6.37 23.12
C ASN A 197 -6.47 -5.77 21.72
N LEU A 198 -5.22 -5.72 21.24
CA LEU A 198 -4.90 -5.03 19.96
C LEU A 198 -4.74 -6.10 18.86
N TYR A 199 -5.55 -5.99 17.79
CA TYR A 199 -5.49 -6.84 16.61
C TYR A 199 -5.10 -5.99 15.40
N LEU A 200 -4.70 -6.66 14.33
CA LEU A 200 -4.32 -6.00 13.08
C LEU A 200 -5.23 -6.45 11.95
N ASP A 201 -5.82 -5.48 11.24
CA ASP A 201 -6.48 -5.77 9.94
C ASP A 201 -5.41 -5.88 8.82
N THR A 202 -5.57 -6.86 7.90
CA THR A 202 -4.63 -7.13 6.79
C THR A 202 -4.92 -6.30 5.52
N SER A 203 -6.06 -5.61 5.49
CA SER A 203 -6.47 -4.90 4.28
C SER A 203 -5.52 -3.79 3.88
N ALA A 204 -5.40 -3.56 2.57
CA ALA A 204 -4.54 -2.52 2.04
C ALA A 204 -3.07 -2.67 2.39
N TYR A 205 -2.62 -3.93 2.47
CA TYR A 205 -1.21 -4.25 2.46
C TYR A 205 -0.67 -3.65 1.13
N PHE A 206 0.56 -3.12 1.18
CA PHE A 206 1.28 -2.67 -0.03
C PHE A 206 2.47 -3.57 -0.43
N SER A 207 2.77 -4.59 0.39
CA SER A 207 3.87 -5.56 0.15
C SER A 207 3.43 -6.94 0.63
N THR A 208 3.54 -7.97 -0.22
CA THR A 208 3.19 -9.31 0.16
C THR A 208 4.22 -9.87 1.14
N PHE A 209 5.46 -9.40 1.01
CA PHE A 209 6.52 -9.76 1.97
C PHE A 209 6.21 -9.26 3.35
N VAL A 210 5.77 -7.99 3.46
CA VAL A 210 5.32 -7.45 4.75
C VAL A 210 4.16 -8.30 5.29
N LEU A 211 3.18 -8.54 4.42
CA LEU A 211 2.02 -9.36 4.78
C LEU A 211 2.44 -10.69 5.35
N LYS A 212 3.35 -11.35 4.63
CA LYS A 212 3.95 -12.60 5.11
C LYS A 212 4.57 -12.52 6.50
N ILE A 213 5.44 -11.54 6.71
CA ILE A 213 6.07 -11.41 8.02
C ILE A 213 4.99 -11.24 9.10
N VAL A 214 4.14 -10.23 8.92
CA VAL A 214 3.08 -9.90 9.91
C VAL A 214 2.14 -11.09 10.26
N ILE A 215 1.51 -11.72 9.26
CA ILE A 215 0.59 -12.83 9.54
C ILE A 215 1.20 -14.06 10.15
N ASN A 216 2.47 -14.33 9.81
CA ASN A 216 3.13 -15.48 10.39
C ASN A 216 3.75 -15.21 11.75
N GLU A 217 4.02 -13.94 12.03
CA GLU A 217 4.45 -13.57 13.38
C GLU A 217 3.27 -13.51 14.38
N LEU A 218 2.13 -13.05 13.90
CA LEU A 218 0.91 -12.90 14.68
C LEU A 218 -0.31 -13.61 14.09
N PRO A 219 -0.27 -14.95 13.98
CA PRO A 219 -1.29 -15.70 13.23
C PRO A 219 -2.64 -15.63 13.91
N LEU A 220 -2.65 -15.38 15.21
CA LEU A 220 -3.92 -15.36 15.96
C LEU A 220 -4.51 -13.99 16.21
N LYS A 221 -3.78 -12.96 15.83
CA LYS A 221 -4.32 -11.64 16.00
C LYS A 221 -4.42 -10.81 14.72
N CYS A 222 -4.21 -11.43 13.56
CA CYS A 222 -4.40 -10.76 12.28
C CYS A 222 -5.73 -11.20 11.71
N ILE A 223 -6.50 -10.21 11.25
CA ILE A 223 -7.83 -10.41 10.77
C ILE A 223 -7.88 -10.04 9.28
N PHE A 224 -8.17 -11.06 8.47
CA PHE A 224 -8.29 -10.86 7.02
C PHE A 224 -9.38 -9.85 6.76
N GLY A 225 -9.05 -8.86 5.93
CA GLY A 225 -10.09 -8.02 5.32
C GLY A 225 -9.66 -7.61 3.92
N THR A 226 -10.62 -7.29 3.08
CA THR A 226 -10.29 -6.87 1.72
C THR A 226 -10.41 -5.37 1.51
N ASP A 227 -11.21 -4.71 2.35
CA ASP A 227 -11.50 -3.28 2.13
C ASP A 227 -12.20 -3.03 0.76
N MET A 228 -13.12 -3.90 0.35
CA MET A 228 -13.93 -3.58 -0.84
C MET A 228 -14.65 -2.25 -0.58
N PRO A 229 -14.82 -1.42 -1.62
CA PRO A 229 -14.55 -1.58 -3.04
C PRO A 229 -13.07 -1.31 -3.43
N PHE A 230 -12.19 -1.12 -2.44
CA PHE A 230 -10.80 -0.71 -2.73
C PHE A 230 -9.88 -1.86 -3.04
N GLY A 231 -10.30 -3.04 -2.61
CA GLY A 231 -9.52 -4.25 -2.82
C GLY A 231 -10.43 -5.25 -3.45
N ASP A 232 -9.84 -6.37 -3.78
CA ASP A 232 -10.47 -7.37 -4.59
C ASP A 232 -10.51 -8.66 -3.77
N LEU A 233 -11.71 -9.15 -3.51
CA LEU A 233 -11.87 -10.32 -2.63
C LEU A 233 -11.01 -11.53 -3.06
N GLN A 234 -11.16 -11.99 -4.30
CA GLN A 234 -10.43 -13.17 -4.77
C GLN A 234 -8.93 -12.92 -4.70
N LEU A 235 -8.51 -11.73 -5.13
CA LEU A 235 -7.06 -11.43 -5.14
C LEU A 235 -6.47 -11.49 -3.72
N SER A 236 -7.16 -10.85 -2.78
CA SER A 236 -6.69 -10.74 -1.38
C SER A 236 -6.66 -12.08 -0.72
N ILE A 237 -7.72 -12.87 -0.87
CA ILE A 237 -7.69 -14.26 -0.38
C ILE A 237 -6.47 -15.06 -0.88
N GLU A 238 -6.23 -14.98 -2.19
CA GLU A 238 -5.11 -15.70 -2.78
C GLU A 238 -3.81 -15.36 -2.10
N ALA A 239 -3.65 -14.07 -1.82
CA ALA A 239 -2.41 -13.57 -1.23
C ALA A 239 -2.23 -14.14 0.17
N ILE A 240 -3.30 -14.10 0.97
CA ILE A 240 -3.25 -14.67 2.35
C ILE A 240 -2.80 -16.15 2.28
N LYS A 241 -3.42 -16.91 1.37
CA LYS A 241 -3.11 -18.33 1.34
C LYS A 241 -1.69 -18.54 0.87
N LYS A 242 -1.23 -17.71 -0.06
CA LYS A 242 0.13 -17.88 -0.60
C LYS A 242 1.17 -17.46 0.41
N MET A 243 0.92 -16.36 1.13
CA MET A 243 1.88 -15.90 2.13
C MET A 243 1.87 -16.65 3.49
N SER A 244 0.77 -17.33 3.82
CA SER A 244 0.67 -18.08 5.12
C SER A 244 1.68 -19.25 5.16
N ASN A 245 2.36 -19.46 6.28
CA ASN A 245 3.36 -20.56 6.31
C ASN A 245 2.79 -21.95 6.39
N ASP A 246 1.50 -22.03 6.76
CA ASP A 246 0.74 -23.28 6.82
C ASP A 246 -0.78 -23.01 6.79
N SER A 247 -1.57 -24.07 6.66
CA SER A 247 -3.02 -23.92 6.51
C SER A 247 -3.71 -23.49 7.80
N TYR A 248 -3.11 -23.78 8.97
CA TYR A 248 -3.61 -23.23 10.24
C TYR A 248 -3.56 -21.72 10.23
N VAL A 249 -2.39 -21.19 9.89
CA VAL A 249 -2.23 -19.73 9.82
C VAL A 249 -3.30 -19.13 8.89
N ALA A 250 -3.39 -19.70 7.68
CA ALA A 250 -4.37 -19.24 6.68
C ALA A 250 -5.79 -19.34 7.22
N ASN A 251 -6.12 -20.45 7.87
CA ASN A 251 -7.52 -20.60 8.35
C ASN A 251 -7.83 -19.69 9.50
N ALA A 252 -6.83 -19.39 10.36
CA ALA A 252 -7.02 -18.41 11.43
C ALA A 252 -7.23 -16.99 10.87
N VAL A 253 -6.30 -16.56 10.04
CA VAL A 253 -6.38 -15.20 9.49
C VAL A 253 -7.64 -14.94 8.66
N LEU A 254 -8.04 -15.97 7.91
CA LEU A 254 -9.15 -15.87 6.99
C LEU A 254 -10.53 -15.85 7.67
N GLY A 255 -10.64 -16.29 8.92
CA GLY A 255 -11.95 -16.21 9.59
C GLY A 255 -12.06 -16.66 11.04
N ASP A 256 -11.25 -17.62 11.43
CA ASP A 256 -11.35 -18.17 12.75
C ASP A 256 -11.06 -17.11 13.80
N ASN A 257 -10.07 -16.28 13.53
CA ASN A 257 -9.75 -15.21 14.49
C ASN A 257 -10.93 -14.27 14.75
N ILE A 258 -11.55 -13.75 13.69
CA ILE A 258 -12.66 -12.80 13.89
C ILE A 258 -13.92 -13.51 14.43
N SER A 259 -14.12 -14.75 14.01
CA SER A 259 -15.17 -15.60 14.58
C SER A 259 -15.06 -15.75 16.10
N ARG A 260 -13.84 -15.95 16.59
CA ARG A 260 -13.57 -15.98 17.99
C ARG A 260 -13.82 -14.63 18.65
N LEU A 261 -13.24 -13.57 18.09
CA LEU A 261 -13.26 -12.26 18.74
C LEU A 261 -14.69 -11.72 18.80
N LEU A 262 -15.43 -11.89 17.71
CA LEU A 262 -16.81 -11.37 17.62
C LEU A 262 -17.87 -12.34 18.12
N ASN A 263 -17.47 -13.59 18.40
CA ASN A 263 -18.35 -14.70 18.73
C ASN A 263 -19.35 -15.00 17.61
N ILE A 264 -18.85 -15.23 16.40
CA ILE A 264 -19.69 -15.43 15.23
C ILE A 264 -20.10 -16.90 15.08
N LEU B 3 7.64 -8.29 -23.35
CA LEU B 3 6.33 -9.02 -23.41
C LEU B 3 5.71 -9.14 -22.04
N ILE B 4 6.36 -9.82 -21.09
CA ILE B 4 6.21 -9.41 -19.71
C ILE B 4 7.63 -9.03 -19.26
N ILE B 5 7.77 -7.79 -18.81
CA ILE B 5 8.97 -7.28 -18.20
C ILE B 5 8.64 -6.72 -16.84
N ASP B 6 9.31 -7.24 -15.82
CA ASP B 6 9.14 -6.69 -14.48
C ASP B 6 9.98 -5.42 -14.41
N GLY B 7 9.32 -4.26 -14.39
CA GLY B 7 10.03 -2.98 -14.48
C GLY B 7 10.76 -2.50 -13.26
N HIS B 8 10.69 -3.27 -12.16
CA HIS B 8 11.36 -2.81 -10.93
C HIS B 8 11.40 -3.95 -9.94
N THR B 9 12.59 -4.55 -9.82
CA THR B 9 12.87 -5.59 -8.83
C THR B 9 14.27 -5.36 -8.29
N HIS B 10 14.45 -5.57 -6.99
CA HIS B 10 15.80 -5.49 -6.41
C HIS B 10 16.58 -6.81 -6.58
N VAL B 11 17.90 -6.71 -6.67
CA VAL B 11 18.69 -7.98 -6.90
C VAL B 11 18.25 -9.01 -5.87
N ILE B 12 17.94 -10.23 -6.33
CA ILE B 12 17.52 -11.36 -5.47
C ILE B 12 18.59 -12.45 -5.50
N LEU B 13 18.97 -12.95 -4.32
CA LEU B 13 19.90 -14.03 -4.17
C LEU B 13 19.21 -15.23 -3.50
N PRO B 14 19.58 -16.47 -3.89
CA PRO B 14 20.42 -16.87 -5.04
C PRO B 14 19.75 -16.41 -6.33
N VAL B 15 20.57 -16.01 -7.29
CA VAL B 15 20.08 -15.47 -8.57
C VAL B 15 19.22 -16.49 -9.27
N GLU B 16 19.62 -17.76 -9.18
CA GLU B 16 18.91 -18.85 -9.89
C GLU B 16 17.47 -19.05 -9.37
N LYS B 17 17.25 -18.80 -8.09
CA LYS B 17 15.87 -18.82 -7.56
C LYS B 17 14.99 -17.74 -8.26
N HIS B 18 15.56 -16.57 -8.47
CA HIS B 18 14.79 -15.51 -9.12
C HIS B 18 14.55 -15.85 -10.59
N ILE B 19 15.55 -16.44 -11.27
CA ILE B 19 15.42 -16.79 -12.70
C ILE B 19 14.31 -17.87 -12.81
N LYS B 20 14.31 -18.79 -11.86
CA LYS B 20 13.24 -19.79 -11.84
C LYS B 20 11.84 -19.15 -11.63
N ILE B 21 11.73 -18.14 -10.78
CA ILE B 21 10.45 -17.43 -10.52
C ILE B 21 9.98 -16.67 -11.79
N MET B 22 10.93 -16.05 -12.49
CA MET B 22 10.67 -15.44 -13.77
C MET B 22 10.22 -16.50 -14.78
N ASP B 23 10.96 -17.60 -14.88
CA ASP B 23 10.57 -18.69 -15.82
C ASP B 23 9.13 -19.13 -15.56
N GLU B 24 8.82 -19.42 -14.31
CA GLU B 24 7.50 -19.91 -13.94
C GLU B 24 6.37 -18.89 -14.15
N ALA B 25 6.68 -17.59 -14.11
CA ALA B 25 5.67 -16.54 -14.21
C ALA B 25 5.48 -16.06 -15.65
N GLY B 26 6.29 -16.59 -16.57
CA GLY B 26 6.24 -16.16 -17.98
C GLY B 26 6.86 -14.80 -18.22
N VAL B 27 7.89 -14.48 -17.43
CA VAL B 27 8.53 -13.18 -17.46
C VAL B 27 9.84 -13.23 -18.26
N ASP B 28 9.98 -12.37 -19.27
CA ASP B 28 11.13 -12.41 -20.18
C ASP B 28 12.36 -11.77 -19.57
N LYS B 29 12.15 -10.61 -18.98
CA LYS B 29 13.24 -9.79 -18.45
C LYS B 29 12.80 -9.03 -17.20
N THR B 30 13.79 -8.65 -16.41
CA THR B 30 13.58 -7.82 -15.25
C THR B 30 14.56 -6.65 -15.33
N ILE B 31 14.05 -5.49 -14.97
CA ILE B 31 14.90 -4.34 -14.76
C ILE B 31 15.32 -4.45 -13.29
N LEU B 32 16.59 -4.76 -13.04
CA LEU B 32 17.11 -4.94 -11.69
C LEU B 32 17.66 -3.67 -11.10
N PHE B 33 17.41 -3.53 -9.81
CA PHE B 33 17.84 -2.38 -9.05
C PHE B 33 18.82 -2.84 -8.02
N SER B 34 19.89 -2.04 -7.83
CA SER B 34 20.85 -2.40 -6.84
C SER B 34 20.15 -2.34 -5.48
N THR B 35 20.76 -2.98 -4.50
CA THR B 35 20.31 -2.91 -3.12
C THR B 35 21.45 -3.27 -2.17
N SER B 36 21.50 -2.59 -1.04
CA SER B 36 22.51 -2.86 -0.04
C SER B 36 22.06 -3.99 0.91
N ILE B 37 20.82 -4.45 0.76
CA ILE B 37 20.18 -5.23 1.81
C ILE B 37 19.42 -6.42 1.21
N HIS B 38 19.55 -7.60 1.82
CA HIS B 38 18.96 -8.80 1.26
C HIS B 38 18.08 -9.57 2.26
N PRO B 39 16.88 -9.04 2.52
CA PRO B 39 15.99 -9.67 3.52
C PRO B 39 15.61 -11.09 3.09
N GLU B 40 15.61 -11.34 1.78
CA GLU B 40 15.30 -12.69 1.25
C GLU B 40 16.29 -13.79 1.60
N THR B 41 17.47 -13.42 2.14
CA THR B 41 18.45 -14.43 2.58
C THR B 41 18.58 -14.49 4.10
N ALA B 42 17.83 -13.67 4.82
CA ALA B 42 17.92 -13.69 6.28
C ALA B 42 17.49 -15.06 6.80
N VAL B 43 18.33 -15.69 7.62
CA VAL B 43 17.87 -16.86 8.40
C VAL B 43 17.19 -16.30 9.64
N ASN B 44 16.01 -16.82 9.96
CA ASN B 44 15.25 -16.42 11.19
C ASN B 44 14.64 -15.00 11.23
N LEU B 45 13.57 -14.88 12.02
CA LEU B 45 12.76 -13.66 12.06
C LEU B 45 13.50 -12.43 12.57
N ARG B 46 14.33 -12.61 13.59
CA ARG B 46 15.13 -11.52 14.13
C ARG B 46 15.97 -10.85 13.02
N ASP B 47 16.64 -11.68 12.22
CA ASP B 47 17.44 -11.23 11.09
C ASP B 47 16.61 -10.53 10.00
N VAL B 48 15.44 -11.09 9.66
CA VAL B 48 14.51 -10.38 8.74
C VAL B 48 14.21 -8.95 9.24
N LYS B 49 13.85 -8.86 10.51
CA LYS B 49 13.54 -7.56 11.10
C LYS B 49 14.69 -6.60 11.08
N LYS B 50 15.89 -7.09 11.43
CA LYS B 50 17.11 -6.29 11.37
C LYS B 50 17.26 -5.69 9.96
N GLU B 51 17.07 -6.56 8.96
CA GLU B 51 17.19 -6.17 7.55
C GLU B 51 16.10 -5.21 7.11
N MET B 52 14.86 -5.47 7.53
CA MET B 52 13.75 -4.55 7.22
C MET B 52 13.91 -3.21 7.92
N LYS B 53 14.42 -3.22 9.16
CA LYS B 53 14.75 -1.94 9.83
C LYS B 53 15.82 -1.13 9.07
N LYS B 54 16.85 -1.79 8.53
CA LYS B 54 17.84 -1.07 7.70
C LYS B 54 17.22 -0.50 6.42
N LEU B 55 16.30 -1.25 5.82
CA LEU B 55 15.65 -0.80 4.60
C LEU B 55 14.77 0.39 4.88
N ASN B 56 14.12 0.40 6.05
CA ASN B 56 13.38 1.58 6.50
C ASN B 56 14.23 2.83 6.53
N ASP B 57 15.48 2.72 7.02
CA ASP B 57 16.38 3.87 7.06
C ASP B 57 16.70 4.35 5.65
N VAL B 58 17.01 3.39 4.76
CA VAL B 58 17.29 3.72 3.35
C VAL B 58 16.12 4.43 2.70
N VAL B 59 14.93 3.79 2.75
CA VAL B 59 13.74 4.37 2.11
C VAL B 59 13.40 5.75 2.69
N ASN B 60 13.72 5.95 3.97
CA ASN B 60 13.48 7.22 4.64
C ASN B 60 14.52 8.25 4.25
N GLY B 61 15.58 7.81 3.57
CA GLY B 61 16.60 8.74 3.06
C GLY B 61 17.75 9.06 4.01
N LYS B 62 17.92 8.25 5.06
CA LYS B 62 18.97 8.54 6.04
C LYS B 62 20.36 8.21 5.54
N THR B 63 20.46 7.47 4.42
CA THR B 63 21.78 6.97 3.96
C THR B 63 22.29 7.63 2.67
N ASN B 64 21.67 8.75 2.28
CA ASN B 64 21.72 9.17 0.88
C ASN B 64 23.06 9.63 0.38
N SER B 65 23.86 10.27 1.24
CA SER B 65 25.17 10.77 0.84
C SER B 65 26.29 9.70 0.85
N MET B 66 26.00 8.50 1.34
CA MET B 66 27.02 7.45 1.41
C MET B 66 27.39 6.90 0.01
N ILE B 67 28.70 6.76 -0.23
CA ILE B 67 29.23 6.43 -1.56
C ILE B 67 29.54 4.93 -1.70
N ASP B 68 30.43 4.43 -0.83
CA ASP B 68 30.91 3.03 -0.85
C ASP B 68 29.80 1.98 -0.90
N VAL B 69 28.72 2.20 -0.16
CA VAL B 69 27.69 1.17 -0.11
C VAL B 69 26.97 1.12 -1.47
N ARG B 70 26.75 2.28 -2.08
CA ARG B 70 26.14 2.33 -3.42
C ARG B 70 27.06 1.74 -4.51
N ARG B 71 28.36 1.94 -4.36
CA ARG B 71 29.34 1.35 -5.27
C ARG B 71 29.42 -0.16 -5.12
N ASN B 72 29.42 -0.71 -3.89
CA ASN B 72 29.37 -2.18 -3.70
C ASN B 72 28.07 -2.79 -4.29
N SER B 73 26.95 -2.17 -4.02
CA SER B 73 25.67 -2.61 -4.64
C SER B 73 25.64 -2.53 -6.20
N ILE B 74 26.33 -1.55 -6.81
CA ILE B 74 26.52 -1.59 -8.27
C ILE B 74 27.39 -2.79 -8.70
N LYS B 75 28.44 -3.05 -7.97
CA LYS B 75 29.30 -4.20 -8.27
C LYS B 75 28.47 -5.49 -8.23
N GLU B 76 27.64 -5.65 -7.20
CA GLU B 76 26.72 -6.78 -7.12
C GLU B 76 25.85 -6.81 -8.36
N LEU B 77 25.23 -5.66 -8.69
CA LEU B 77 24.33 -5.57 -9.83
C LEU B 77 25.02 -5.99 -11.15
N THR B 78 26.20 -5.45 -11.42
CA THR B 78 26.90 -5.80 -12.69
C THR B 78 27.27 -7.28 -12.75
N ASN B 79 27.66 -7.83 -11.60
CA ASN B 79 28.01 -9.20 -11.54
C ASN B 79 26.79 -10.11 -11.76
N VAL B 80 25.61 -9.70 -11.25
CA VAL B 80 24.37 -10.45 -11.47
C VAL B 80 23.93 -10.39 -12.94
N ILE B 81 23.93 -9.22 -13.53
CA ILE B 81 23.58 -9.08 -14.95
C ILE B 81 24.48 -9.88 -15.86
N GLN B 82 25.77 -9.93 -15.54
CA GLN B 82 26.74 -10.57 -16.41
C GLN B 82 26.39 -12.04 -16.51
N ALA B 83 25.83 -12.60 -15.43
CA ALA B 83 25.39 -14.00 -15.39
C ALA B 83 24.16 -14.28 -16.27
N TYR B 84 23.22 -13.34 -16.31
CA TYR B 84 21.99 -13.50 -17.12
C TYR B 84 21.70 -12.27 -17.95
N PRO B 85 22.60 -11.98 -18.92
CA PRO B 85 22.48 -10.76 -19.68
C PRO B 85 21.31 -10.76 -20.63
N SER B 86 20.73 -11.92 -20.95
CA SER B 86 19.46 -11.92 -21.73
C SER B 86 18.18 -11.68 -20.87
N ARG B 87 18.30 -11.83 -19.56
CA ARG B 87 17.17 -11.74 -18.63
C ARG B 87 17.14 -10.47 -17.82
N TYR B 88 18.30 -9.80 -17.72
CA TYR B 88 18.40 -8.58 -16.89
C TYR B 88 18.96 -7.34 -17.58
N VAL B 89 18.39 -6.21 -17.19
CA VAL B 89 18.93 -4.88 -17.51
C VAL B 89 18.92 -4.16 -16.17
N GLY B 90 19.77 -3.14 -16.00
CA GLY B 90 20.00 -2.64 -14.66
C GLY B 90 19.94 -1.17 -14.57
N PHE B 91 19.47 -0.72 -13.41
CA PHE B 91 19.54 0.69 -13.05
C PHE B 91 20.53 0.68 -11.90
N GLY B 92 21.38 1.71 -11.84
CA GLY B 92 22.36 1.83 -10.72
C GLY B 92 22.08 3.06 -9.90
N ASN B 93 22.30 2.96 -8.59
CA ASN B 93 21.96 4.05 -7.68
C ASN B 93 23.08 5.08 -7.55
N VAL B 94 22.72 6.33 -7.28
CA VAL B 94 23.66 7.45 -7.28
C VAL B 94 23.46 8.23 -5.97
N PRO B 95 24.57 8.56 -5.25
CA PRO B 95 24.43 9.29 -3.98
C PRO B 95 23.81 10.66 -4.17
N VAL B 96 22.90 11.00 -3.26
CA VAL B 96 22.20 12.27 -3.30
C VAL B 96 22.84 13.20 -2.29
N GLY B 97 23.12 14.43 -2.71
CA GLY B 97 23.68 15.45 -1.83
C GLY B 97 25.18 15.58 -1.96
N LEU B 98 25.71 15.18 -3.12
CA LEU B 98 27.10 15.48 -3.48
C LEU B 98 27.13 16.68 -4.42
N SER B 99 28.34 17.14 -4.73
CA SER B 99 28.56 18.23 -5.67
C SER B 99 28.29 17.77 -7.12
N GLU B 100 28.11 18.74 -8.00
CA GLU B 100 27.87 18.48 -9.42
C GLU B 100 29.05 17.75 -10.09
N ASN B 101 30.27 18.09 -9.67
CA ASN B 101 31.47 17.42 -10.18
C ASN B 101 31.51 15.95 -9.77
N ASP B 102 31.32 15.72 -8.48
CA ASP B 102 31.42 14.39 -7.89
C ASP B 102 30.25 13.51 -8.33
N THR B 103 29.09 14.14 -8.56
CA THR B 103 27.93 13.39 -9.06
C THR B 103 28.21 12.94 -10.49
N ASN B 104 28.79 13.81 -11.31
CA ASN B 104 29.08 13.49 -12.71
C ASN B 104 30.10 12.36 -12.88
N SER B 105 31.20 12.46 -12.14
CA SER B 105 32.23 11.44 -12.19
C SER B 105 31.67 10.11 -11.69
N TYR B 106 30.92 10.16 -10.58
CA TYR B 106 30.23 8.99 -10.07
C TYR B 106 29.37 8.33 -11.15
N ILE B 107 28.56 9.13 -11.83
CA ILE B 107 27.68 8.59 -12.86
C ILE B 107 28.50 7.98 -13.99
N GLU B 108 29.55 8.70 -14.41
CA GLU B 108 30.46 8.22 -15.45
C GLU B 108 31.08 6.88 -15.09
N GLU B 109 31.65 6.78 -13.90
CA GLU B 109 32.39 5.58 -13.50
C GLU B 109 31.46 4.36 -13.24
N ASN B 110 30.36 4.60 -12.51
CA ASN B 110 29.51 3.53 -11.98
C ASN B 110 28.25 3.21 -12.80
N ILE B 111 27.80 4.18 -13.59
CA ILE B 111 26.62 3.96 -14.45
C ILE B 111 27.05 3.76 -15.93
N VAL B 112 27.58 4.82 -16.54
CA VAL B 112 27.95 4.79 -17.95
C VAL B 112 28.95 3.68 -18.24
N ASN B 113 30.05 3.65 -17.48
CA ASN B 113 31.11 2.65 -17.70
C ASN B 113 30.68 1.19 -17.47
N ASN B 114 29.55 1.00 -16.78
CA ASN B 114 28.98 -0.35 -16.57
C ASN B 114 27.85 -0.65 -17.53
N LYS B 115 27.55 0.29 -18.43
CA LYS B 115 26.46 0.14 -19.42
C LYS B 115 25.10 -0.16 -18.79
N LEU B 116 24.85 0.43 -17.64
CA LEU B 116 23.53 0.37 -17.00
C LEU B 116 22.58 1.27 -17.77
N VAL B 117 21.28 1.00 -17.71
CA VAL B 117 20.34 1.70 -18.57
C VAL B 117 19.58 2.86 -17.89
N GLY B 118 19.80 3.07 -16.59
CA GLY B 118 19.11 4.14 -15.87
C GLY B 118 19.70 4.38 -14.49
N ILE B 119 19.19 5.39 -13.81
CA ILE B 119 19.69 5.81 -12.49
C ILE B 119 18.55 5.64 -11.47
N GLY B 120 18.82 4.97 -10.37
CA GLY B 120 17.78 4.70 -9.35
C GLY B 120 18.16 3.41 -8.61
N GLU B 121 17.40 3.01 -7.60
CA GLU B 121 16.21 3.71 -7.17
C GLU B 121 16.60 4.80 -6.19
N LEU B 122 16.40 6.05 -6.57
CA LEU B 122 16.65 7.18 -5.66
C LEU B 122 15.61 7.16 -4.52
N THR B 123 16.08 7.51 -3.32
CA THR B 123 15.23 7.53 -2.16
C THR B 123 15.43 8.88 -1.47
N PRO B 124 14.91 9.98 -2.06
CA PRO B 124 15.15 11.27 -1.41
C PRO B 124 14.38 11.37 -0.09
N ALA B 125 14.91 12.16 0.85
CA ALA B 125 14.18 12.43 2.08
C ALA B 125 13.09 13.44 1.74
N SER B 126 11.95 13.36 2.43
CA SER B 126 10.92 14.38 2.27
C SER B 126 11.47 15.79 2.53
N GLY B 127 11.14 16.72 1.63
CA GLY B 127 11.65 18.09 1.68
C GLY B 127 12.89 18.27 0.83
N GLN B 128 13.53 17.16 0.48
CA GLN B 128 14.85 17.24 -0.19
C GLN B 128 14.82 16.91 -1.66
N ILE B 129 13.68 17.10 -2.33
CA ILE B 129 13.58 16.72 -3.75
C ILE B 129 14.53 17.58 -4.61
N LYS B 130 14.70 18.84 -4.21
CA LYS B 130 15.52 19.79 -4.97
C LYS B 130 16.98 19.41 -5.00
N SER B 131 17.40 18.58 -4.04
CA SER B 131 18.77 18.06 -3.97
C SER B 131 19.08 17.10 -5.10
N LEU B 132 18.06 16.72 -5.89
CA LEU B 132 18.23 15.81 -7.02
C LEU B 132 18.65 16.51 -8.32
N LYS B 133 18.71 17.84 -8.30
CA LYS B 133 18.94 18.61 -9.52
C LYS B 133 20.21 18.15 -10.28
N PRO B 134 21.35 17.98 -9.58
CA PRO B 134 22.56 17.60 -10.32
C PRO B 134 22.45 16.25 -11.03
N ILE B 135 21.62 15.33 -10.52
CA ILE B 135 21.42 14.04 -11.22
C ILE B 135 20.61 14.26 -12.52
N PHE B 136 19.60 15.12 -12.46
CA PHE B 136 18.86 15.53 -13.65
C PHE B 136 19.75 16.26 -14.66
N LYS B 137 20.60 17.15 -14.16
CA LYS B 137 21.53 17.90 -15.01
C LYS B 137 22.39 16.93 -15.81
N TYR B 138 23.02 15.98 -15.13
CA TYR B 138 23.91 15.07 -15.85
C TYR B 138 23.16 14.40 -16.98
N SER B 139 21.96 13.93 -16.67
CA SER B 139 21.13 13.20 -17.61
C SER B 139 20.67 14.10 -18.77
N MET B 140 20.21 15.31 -18.45
CA MET B 140 19.79 16.32 -19.45
C MET B 140 20.79 16.32 -20.59
N ASP B 141 22.06 16.24 -20.23
CA ASP B 141 23.16 16.27 -21.19
C ASP B 141 23.41 14.87 -21.75
N SER B 142 24.10 14.04 -20.97
CA SER B 142 24.78 12.87 -21.51
C SER B 142 23.96 11.58 -21.63
N GLY B 143 23.08 11.53 -22.65
CA GLY B 143 22.40 10.28 -23.03
C GLY B 143 21.04 10.05 -22.41
N SER B 144 20.51 11.09 -21.75
CA SER B 144 19.18 11.07 -21.14
C SER B 144 18.77 9.77 -20.44
N LEU B 145 19.62 9.29 -19.52
CA LEU B 145 19.31 8.16 -18.63
C LEU B 145 18.05 8.46 -17.81
N PRO B 146 17.07 7.51 -17.81
CA PRO B 146 15.87 7.64 -16.98
C PRO B 146 16.25 7.67 -15.52
N ILE B 147 15.55 8.49 -14.76
CA ILE B 147 15.71 8.56 -13.31
C ILE B 147 14.47 7.93 -12.62
N TRP B 148 14.71 6.97 -11.72
CA TRP B 148 13.65 6.24 -11.01
C TRP B 148 13.63 6.69 -9.53
N ILE B 149 12.50 7.23 -9.06
CA ILE B 149 12.44 7.88 -7.74
C ILE B 149 11.40 7.18 -6.88
N HIS B 150 11.83 6.64 -5.73
CA HIS B 150 10.90 6.10 -4.74
C HIS B 150 9.87 7.18 -4.36
N ALA B 151 8.58 6.90 -4.48
CA ALA B 151 7.57 7.93 -4.18
C ALA B 151 6.39 7.44 -3.33
N PHE B 152 6.58 6.32 -2.66
CA PHE B 152 5.68 5.89 -1.58
C PHE B 152 6.11 6.72 -0.36
N ASN B 153 5.54 6.45 0.82
CA ASN B 153 6.09 7.01 2.08
C ASN B 153 7.62 6.85 2.09
N PRO B 154 8.38 7.84 2.57
CA PRO B 154 7.99 9.04 3.32
C PRO B 154 7.61 10.26 2.47
N LEU B 155 7.61 10.14 1.15
CA LEU B 155 7.32 11.28 0.28
C LEU B 155 5.88 11.76 0.46
N VAL B 156 5.69 13.08 0.54
CA VAL B 156 4.36 13.65 0.71
C VAL B 156 3.94 14.41 -0.57
N LEU B 157 2.71 14.94 -0.56
CA LEU B 157 2.18 15.61 -1.75
C LEU B 157 3.13 16.65 -2.36
N GLN B 158 3.68 17.54 -1.54
CA GLN B 158 4.60 18.55 -2.01
C GLN B 158 5.88 18.02 -2.69
N ASP B 159 6.40 16.87 -2.21
CA ASP B 159 7.51 16.20 -2.88
C ASP B 159 7.12 15.75 -4.29
N ILE B 160 5.90 15.23 -4.45
CA ILE B 160 5.44 14.80 -5.77
C ILE B 160 5.42 16.02 -6.69
N LYS B 161 4.84 17.14 -6.19
CA LYS B 161 4.80 18.39 -6.96
C LYS B 161 6.16 18.86 -7.37
N GLU B 162 7.12 18.77 -6.45
CA GLU B 162 8.50 19.18 -6.72
C GLU B 162 9.21 18.30 -7.77
N ILE B 163 8.97 16.98 -7.72
CA ILE B 163 9.43 16.02 -8.74
C ILE B 163 8.87 16.41 -10.13
N ALA B 164 7.56 16.65 -10.20
CA ALA B 164 6.93 17.23 -11.41
C ALA B 164 7.67 18.43 -11.97
N GLU B 165 7.97 19.43 -11.12
CA GLU B 165 8.70 20.61 -11.58
C GLU B 165 10.06 20.28 -12.19
N LEU B 166 10.78 19.29 -11.64
CA LEU B 166 12.04 18.87 -12.27
C LEU B 166 11.83 18.21 -13.63
N CYS B 167 10.81 17.37 -13.75
CA CYS B 167 10.41 16.87 -15.07
C CYS B 167 10.25 17.99 -16.09
N LYS B 168 9.52 19.04 -15.73
CA LYS B 168 9.25 20.16 -16.64
C LYS B 168 10.54 20.90 -16.99
N ALA B 169 11.41 21.06 -16.00
CA ALA B 169 12.66 21.79 -16.17
C ALA B 169 13.70 20.98 -16.96
N PHE B 170 13.54 19.67 -16.98
CA PHE B 170 14.42 18.78 -17.71
C PHE B 170 13.62 17.84 -18.59
N PRO B 171 12.92 18.39 -19.61
CA PRO B 171 11.92 17.65 -20.41
C PRO B 171 12.46 16.46 -21.19
N LYS B 172 13.76 16.40 -21.43
CA LYS B 172 14.34 15.30 -22.18
C LYS B 172 14.67 14.11 -21.29
N VAL B 173 14.52 14.27 -19.98
CA VAL B 173 14.91 13.20 -19.05
C VAL B 173 13.66 12.49 -18.59
N PRO B 174 13.55 11.20 -18.94
CA PRO B 174 12.42 10.42 -18.46
C PRO B 174 12.50 10.17 -16.96
N VAL B 175 11.37 10.26 -16.27
CA VAL B 175 11.33 10.03 -14.84
C VAL B 175 10.26 8.96 -14.60
N ILE B 176 10.62 7.98 -13.79
CA ILE B 176 9.63 6.93 -13.39
C ILE B 176 9.32 7.20 -11.92
N LEU B 177 8.06 7.48 -11.63
CA LEU B 177 7.59 7.67 -10.27
C LEU B 177 7.26 6.34 -9.62
N GLY B 178 8.13 5.94 -8.70
CA GLY B 178 7.94 4.79 -7.85
C GLY B 178 6.59 4.69 -7.17
N HIS B 179 5.91 3.56 -7.38
CA HIS B 179 4.76 3.18 -6.54
C HIS B 179 3.55 4.07 -6.74
N MET B 180 3.49 4.73 -7.92
CA MET B 180 2.38 5.60 -8.35
C MET B 180 2.24 6.80 -7.39
N GLY B 181 3.28 7.14 -6.63
CA GLY B 181 3.10 8.25 -5.70
C GLY B 181 2.35 7.95 -4.40
N GLY B 182 2.07 6.68 -4.15
CA GLY B 182 1.51 6.23 -2.89
C GLY B 182 0.13 6.79 -2.71
N SER B 183 -0.10 7.35 -1.52
CA SER B 183 -1.39 7.92 -1.19
CA SER B 183 -1.40 7.89 -1.21
C SER B 183 -1.67 9.13 -2.05
N ASN B 184 -0.64 9.59 -2.77
CA ASN B 184 -0.75 10.78 -3.63
C ASN B 184 -0.96 10.46 -5.10
N TRP B 185 -1.46 9.25 -5.38
CA TRP B 185 -1.69 8.77 -6.75
C TRP B 185 -2.62 9.65 -7.62
N MET B 186 -3.63 10.28 -7.01
CA MET B 186 -4.54 11.18 -7.75
C MET B 186 -3.77 12.35 -8.42
N THR B 187 -2.89 12.99 -7.64
CA THR B 187 -2.02 14.05 -8.17
C THR B 187 -0.95 13.48 -9.11
N ALA B 188 -0.34 12.35 -8.74
CA ALA B 188 0.60 11.66 -9.60
C ALA B 188 0.02 11.35 -10.99
N VAL B 189 -1.21 10.83 -11.01
CA VAL B 189 -1.82 10.51 -12.31
C VAL B 189 -2.14 11.79 -13.13
N GLU B 190 -2.60 12.87 -12.51
CA GLU B 190 -2.75 14.15 -13.20
C GLU B 190 -1.44 14.64 -13.82
N LEU B 191 -0.36 14.51 -13.05
CA LEU B 191 0.92 15.09 -13.45
C LEU B 191 1.50 14.28 -14.61
N ALA B 192 1.35 12.98 -14.55
CA ALA B 192 1.84 12.07 -15.61
C ALA B 192 1.02 12.19 -16.92
N LYS B 193 -0.28 12.48 -16.80
CA LYS B 193 -1.10 12.83 -17.94
C LYS B 193 -0.52 14.08 -18.60
N GLU B 194 -0.16 15.08 -17.78
CA GLU B 194 0.24 16.42 -18.23
C GLU B 194 1.65 16.45 -18.79
N ILE B 195 2.59 15.81 -18.10
CA ILE B 195 4.03 15.97 -18.36
C ILE B 195 4.58 14.84 -19.23
N GLN B 196 5.05 15.21 -20.43
CA GLN B 196 5.47 14.23 -21.45
C GLN B 196 6.36 13.08 -20.92
N ASN B 197 7.32 13.44 -20.06
CA ASN B 197 8.41 12.57 -19.69
C ASN B 197 8.24 11.87 -18.32
N LEU B 198 7.07 12.03 -17.72
CA LEU B 198 6.77 11.40 -16.45
C LEU B 198 5.95 10.12 -16.63
N TYR B 199 6.44 9.03 -16.06
CA TYR B 199 5.77 7.73 -16.09
C TYR B 199 5.51 7.29 -14.66
N LEU B 200 4.71 6.24 -14.50
CA LEU B 200 4.38 5.73 -13.16
C LEU B 200 4.75 4.24 -13.06
N ASP B 201 5.45 3.89 -11.98
CA ASP B 201 5.58 2.47 -11.69
C ASP B 201 4.38 2.00 -10.87
N THR B 202 3.92 0.77 -11.13
CA THR B 202 2.77 0.19 -10.46
C THR B 202 3.07 -0.54 -9.15
N SER B 203 4.34 -0.85 -8.87
CA SER B 203 4.73 -1.72 -7.74
C SER B 203 4.23 -1.17 -6.43
N ALA B 204 3.91 -2.04 -5.46
CA ALA B 204 3.49 -1.55 -4.11
C ALA B 204 2.23 -0.74 -4.11
N TYR B 205 1.30 -1.09 -5.01
CA TYR B 205 -0.05 -0.53 -4.91
C TYR B 205 -0.62 -1.08 -3.58
N PHE B 206 -1.44 -0.27 -2.91
CA PHE B 206 -2.14 -0.73 -1.69
C PHE B 206 -3.64 -0.98 -1.96
N SER B 207 -4.13 -0.55 -3.15
CA SER B 207 -5.54 -0.75 -3.53
C SER B 207 -5.65 -1.20 -4.99
N THR B 208 -6.29 -2.34 -5.23
CA THR B 208 -6.51 -2.82 -6.58
C THR B 208 -7.43 -1.92 -7.38
N PHE B 209 -8.32 -1.20 -6.68
CA PHE B 209 -9.21 -0.20 -7.30
C PHE B 209 -8.44 1.04 -7.75
N VAL B 210 -7.51 1.49 -6.92
CA VAL B 210 -6.64 2.61 -7.34
C VAL B 210 -5.82 2.18 -8.56
N LEU B 211 -5.28 0.95 -8.50
CA LEU B 211 -4.52 0.37 -9.60
C LEU B 211 -5.34 0.34 -10.88
N LYS B 212 -6.59 -0.10 -10.76
CA LYS B 212 -7.49 -0.15 -11.90
C LYS B 212 -7.68 1.26 -12.49
N ILE B 213 -7.93 2.22 -11.63
CA ILE B 213 -8.20 3.60 -12.08
C ILE B 213 -6.98 4.17 -12.82
N VAL B 214 -5.81 4.09 -12.18
CA VAL B 214 -4.55 4.62 -12.74
C VAL B 214 -4.10 3.90 -14.06
N ILE B 215 -4.04 2.57 -14.09
CA ILE B 215 -3.55 1.90 -15.34
C ILE B 215 -4.52 2.07 -16.53
N ASN B 216 -5.82 2.16 -16.26
CA ASN B 216 -6.80 2.36 -17.33
C ASN B 216 -6.89 3.83 -17.77
N GLU B 217 -6.55 4.73 -16.87
CA GLU B 217 -6.45 6.15 -17.25
C GLU B 217 -5.17 6.49 -18.04
N LEU B 218 -4.06 5.84 -17.70
CA LEU B 218 -2.75 6.08 -18.33
C LEU B 218 -2.11 4.80 -18.82
N PRO B 219 -2.78 4.11 -19.77
CA PRO B 219 -2.32 2.76 -20.14
C PRO B 219 -0.92 2.71 -20.82
N LEU B 220 -0.50 3.83 -21.40
CA LEU B 220 0.79 3.87 -22.10
C LEU B 220 1.91 4.50 -21.27
N LYS B 221 1.58 4.93 -20.05
CA LYS B 221 2.64 5.49 -19.25
C LYS B 221 2.79 4.87 -17.87
N CYS B 222 2.08 3.76 -17.66
CA CYS B 222 2.23 2.94 -16.45
C CYS B 222 3.14 1.76 -16.75
N ILE B 223 4.11 1.50 -15.86
CA ILE B 223 5.09 0.45 -16.08
C ILE B 223 4.94 -0.57 -14.96
N PHE B 224 4.61 -1.80 -15.34
CA PHE B 224 4.47 -2.85 -14.38
C PHE B 224 5.80 -3.11 -13.69
N GLY B 225 5.71 -3.27 -12.37
CA GLY B 225 6.87 -3.79 -11.60
C GLY B 225 6.33 -4.41 -10.32
N THR B 226 7.13 -5.27 -9.71
CA THR B 226 6.69 -5.98 -8.54
C THR B 226 7.37 -5.56 -7.25
N ASP B 227 8.57 -4.98 -7.39
CA ASP B 227 9.41 -4.66 -6.25
C ASP B 227 9.76 -5.91 -5.45
N MET B 228 10.03 -7.01 -6.13
CA MET B 228 10.64 -8.15 -5.42
C MET B 228 11.89 -7.65 -4.69
N PRO B 229 12.16 -8.18 -3.48
CA PRO B 229 11.48 -9.28 -2.80
C PRO B 229 10.24 -8.85 -1.99
N PHE B 230 9.79 -7.60 -2.11
CA PHE B 230 8.69 -7.11 -1.30
C PHE B 230 7.35 -7.45 -1.86
N GLY B 231 7.33 -7.76 -3.14
CA GLY B 231 6.08 -8.04 -3.82
C GLY B 231 6.32 -9.38 -4.45
N ASP B 232 5.23 -9.98 -4.87
CA ASP B 232 5.23 -11.32 -5.43
C ASP B 232 4.94 -11.25 -6.92
N LEU B 233 5.80 -11.83 -7.73
CA LEU B 233 5.66 -11.74 -9.20
C LEU B 233 4.32 -12.29 -9.75
N GLN B 234 3.97 -13.52 -9.44
CA GLN B 234 2.71 -14.06 -9.99
C GLN B 234 1.46 -13.34 -9.52
N LEU B 235 1.43 -12.95 -8.24
CA LEU B 235 0.30 -12.21 -7.67
C LEU B 235 0.16 -10.83 -8.34
N SER B 236 1.28 -10.16 -8.56
CA SER B 236 1.20 -8.83 -9.18
C SER B 236 0.78 -8.90 -10.64
N ILE B 237 1.33 -9.87 -11.39
CA ILE B 237 0.92 -10.06 -12.78
C ILE B 237 -0.58 -10.31 -12.85
N GLU B 238 -1.05 -11.26 -12.03
CA GLU B 238 -2.47 -11.54 -11.98
C GLU B 238 -3.36 -10.31 -11.72
N ALA B 239 -2.93 -9.41 -10.83
CA ALA B 239 -3.66 -8.17 -10.51
C ALA B 239 -3.73 -7.19 -11.70
N ILE B 240 -2.58 -6.97 -12.33
CA ILE B 240 -2.58 -6.17 -13.60
C ILE B 240 -3.62 -6.72 -14.62
N LYS B 241 -3.61 -8.02 -14.86
CA LYS B 241 -4.47 -8.59 -15.92
C LYS B 241 -5.93 -8.51 -15.51
N LYS B 242 -6.23 -8.70 -14.22
CA LYS B 242 -7.61 -8.59 -13.76
C LYS B 242 -8.13 -7.12 -13.73
N MET B 243 -7.28 -6.17 -13.40
CA MET B 243 -7.73 -4.77 -13.33
C MET B 243 -7.71 -4.11 -14.69
N SER B 244 -6.95 -4.67 -15.65
CA SER B 244 -6.85 -3.99 -16.98
C SER B 244 -8.19 -4.02 -17.67
N ASN B 245 -8.59 -2.92 -18.32
CA ASN B 245 -9.89 -2.98 -19.04
C ASN B 245 -9.95 -3.84 -20.29
N ASP B 246 -8.78 -4.09 -20.90
CA ASP B 246 -8.67 -4.96 -22.07
C ASP B 246 -7.24 -5.47 -22.16
N SER B 247 -7.00 -6.42 -23.05
CA SER B 247 -5.67 -7.05 -23.18
C SER B 247 -4.58 -6.14 -23.75
N TYR B 248 -4.96 -5.13 -24.54
CA TYR B 248 -4.00 -4.07 -24.96
C TYR B 248 -3.40 -3.32 -23.73
N VAL B 249 -4.26 -2.82 -22.86
CA VAL B 249 -3.84 -2.14 -21.64
C VAL B 249 -2.91 -3.08 -20.84
N ALA B 250 -3.35 -4.32 -20.65
CA ALA B 250 -2.57 -5.31 -19.92
C ALA B 250 -1.19 -5.48 -20.52
N ASN B 251 -1.14 -5.65 -21.84
CA ASN B 251 0.14 -5.92 -22.49
C ASN B 251 1.05 -4.71 -22.54
N ALA B 252 0.45 -3.51 -22.65
CA ALA B 252 1.23 -2.29 -22.57
C ALA B 252 1.87 -2.12 -21.17
N VAL B 253 1.05 -2.27 -20.15
CA VAL B 253 1.57 -2.07 -18.80
C VAL B 253 2.57 -3.17 -18.42
N LEU B 254 2.29 -4.39 -18.86
CA LEU B 254 3.12 -5.55 -18.52
C LEU B 254 4.47 -5.64 -19.23
N GLY B 255 4.67 -4.88 -20.30
CA GLY B 255 6.01 -4.84 -20.92
C GLY B 255 6.22 -3.96 -22.13
N ASP B 256 5.17 -3.74 -22.90
CA ASP B 256 5.38 -2.98 -24.13
C ASP B 256 5.80 -1.53 -23.80
N ASN B 257 5.27 -0.94 -22.72
CA ASN B 257 5.64 0.46 -22.40
C ASN B 257 7.12 0.63 -22.08
N ILE B 258 7.64 -0.23 -21.22
CA ILE B 258 9.07 -0.14 -20.84
C ILE B 258 10.01 -0.61 -21.96
N SER B 259 9.59 -1.62 -22.75
CA SER B 259 10.35 -1.94 -23.96
C SER B 259 10.49 -0.73 -24.90
N ARG B 260 9.41 0.04 -25.07
CA ARG B 260 9.45 1.25 -25.84
C ARG B 260 10.34 2.26 -25.18
N LEU B 261 10.18 2.47 -23.86
CA LEU B 261 10.91 3.52 -23.18
C LEU B 261 12.43 3.30 -23.15
N LEU B 262 12.84 2.09 -22.86
CA LEU B 262 14.25 1.76 -22.74
C LEU B 262 14.84 1.26 -24.06
N ASN B 263 14.00 1.12 -25.08
CA ASN B 263 14.39 0.52 -26.34
C ASN B 263 14.90 -0.91 -26.19
N ILE B 264 14.14 -1.74 -25.48
CA ILE B 264 14.60 -3.09 -25.15
C ILE B 264 14.63 -4.05 -26.35
#